data_6MFC
#
_entry.id   6MFC
#
_cell.length_a   138.334
_cell.length_b   145.700
_cell.length_c   78.006
_cell.angle_alpha   90.000
_cell.angle_beta   90.000
_cell.angle_gamma   90.000
#
_symmetry.space_group_name_H-M   'C 2 2 21'
#
loop_
_entity.id
_entity.type
_entity.pdbx_description
1 polymer GphF
2 non-polymer GLYCEROL
3 non-polymer 'PENTAETHYLENE GLYCOL'
4 water water
#
_entity_poly.entity_id   1
_entity_poly.type   'polypeptide(L)'
_entity_poly.pdbx_seq_one_letter_code
;MHHHHHHSSGVDLGTENLYFQSNAAHRIRHARPSDLDALCALEARCWPAPLRASRAELLRRVTTEPRGCWVLLHEGAIVG
ATYAQRIAGPAALAGARHSELAGLHDPSGAALQLLGLNVDPAVRNHDFGSLLLEFVLAAARLRPGIENVVGVSRCGDYPR
QRAKGLGYEDYVHGRGGGPRDPVLGFHLGHGARIGGIISGYRPEDVDNDGAGVIVIHALRGAAHADAAVPAS
;
_entity_poly.pdbx_strand_id   B,A
#
loop_
_chem_comp.id
_chem_comp.type
_chem_comp.name
_chem_comp.formula
1PE non-polymer 'PENTAETHYLENE GLYCOL' 'C10 H22 O6'
GOL non-polymer GLYCEROL 'C3 H8 O3'
#
# COMPACT_ATOMS: atom_id res chain seq x y z
N HIS A 26 17.26 4.37 -6.15
CA HIS A 26 16.15 5.30 -6.19
C HIS A 26 15.66 5.48 -7.63
N ARG A 27 14.36 5.72 -7.77
CA ARG A 27 13.76 5.99 -9.07
C ARG A 27 12.49 6.82 -8.87
N ILE A 28 12.39 7.93 -9.57
CA ILE A 28 11.25 8.83 -9.48
C ILE A 28 10.51 8.78 -10.82
N ARG A 29 9.19 8.59 -10.75
CA ARG A 29 8.34 8.55 -11.94
C ARG A 29 7.00 9.18 -11.60
N HIS A 30 6.22 9.46 -12.64
CA HIS A 30 4.89 10.02 -12.43
C HIS A 30 3.99 9.01 -11.73
N ALA A 31 3.06 9.54 -10.93
CA ALA A 31 2.09 8.68 -10.27
C ALA A 31 1.07 8.17 -11.29
N ARG A 32 0.72 6.89 -11.17
CA ARG A 32 -0.28 6.27 -12.02
C ARG A 32 -1.46 5.81 -11.18
N PRO A 33 -2.65 5.73 -11.75
CA PRO A 33 -3.82 5.26 -10.98
C PRO A 33 -3.64 3.85 -10.43
N SER A 34 -2.73 3.06 -10.97
CA SER A 34 -2.47 1.72 -10.44
C SER A 34 -1.77 1.76 -9.09
N ASP A 35 -1.02 2.82 -8.81
CA ASP A 35 -0.31 2.97 -7.55
C ASP A 35 -1.21 3.38 -6.40
N LEU A 36 -2.54 3.41 -6.61
CA LEU A 36 -3.44 3.96 -5.63
C LEU A 36 -3.39 3.18 -4.31
N ASP A 37 -3.29 1.85 -4.39
CA ASP A 37 -3.23 1.05 -3.17
C ASP A 37 -1.95 1.33 -2.39
N ALA A 38 -0.84 1.59 -3.09
CA ALA A 38 0.40 1.95 -2.42
C ALA A 38 0.35 3.37 -1.89
N LEU A 39 -0.27 4.29 -2.65
CA LEU A 39 -0.38 5.67 -2.19
C LEU A 39 -1.24 5.78 -0.94
N CYS A 40 -2.27 4.94 -0.82
CA CYS A 40 -3.05 4.90 0.40
C CYS A 40 -2.25 4.29 1.54
N ALA A 41 -1.46 3.24 1.24
CA ALA A 41 -0.64 2.63 2.28
C ALA A 41 0.42 3.59 2.77
N LEU A 42 1.07 4.32 1.86
CA LEU A 42 2.03 5.34 2.27
C LEU A 42 1.34 6.44 3.06
N GLU A 43 0.10 6.78 2.70
CA GLU A 43 -0.63 7.82 3.42
C GLU A 43 -0.93 7.38 4.85
N ALA A 44 -1.17 6.09 5.06
CA ALA A 44 -1.53 5.61 6.40
C ALA A 44 -0.32 5.58 7.32
N ARG A 45 0.88 5.33 6.77
CA ARG A 45 2.09 5.33 7.58
C ARG A 45 2.55 6.74 7.91
N CYS A 46 2.30 7.71 7.04
CA CYS A 46 2.82 9.05 7.27
C CYS A 46 1.91 9.89 8.16
N TRP A 47 0.60 9.59 8.18
CA TRP A 47 -0.33 10.44 8.89
C TRP A 47 -1.26 9.61 9.78
N PRO A 48 -1.63 10.14 10.94
CA PRO A 48 -2.68 9.49 11.73
C PRO A 48 -4.03 9.63 11.06
N ALA A 49 -4.98 8.82 11.53
CA ALA A 49 -6.29 8.70 10.88
C ALA A 49 -6.98 10.04 10.60
N PRO A 50 -7.05 11.00 11.54
CA PRO A 50 -7.77 12.25 11.24
C PRO A 50 -7.12 13.08 10.14
N LEU A 51 -5.84 12.87 9.83
CA LEU A 51 -5.14 13.70 8.85
C LEU A 51 -4.83 12.97 7.56
N ARG A 52 -5.45 11.81 7.33
CA ARG A 52 -5.20 11.04 6.12
C ARG A 52 -6.15 11.44 5.01
N ALA A 53 -5.62 11.56 3.80
CA ALA A 53 -6.47 11.73 2.63
C ALA A 53 -7.20 10.43 2.34
N SER A 54 -8.41 10.56 1.83
CA SER A 54 -9.18 9.39 1.44
C SER A 54 -8.64 8.80 0.15
N ARG A 55 -9.04 7.56 -0.14
CA ARG A 55 -8.70 6.97 -1.43
C ARG A 55 -9.27 7.79 -2.58
N ALA A 56 -10.44 8.40 -2.37
CA ALA A 56 -11.04 9.22 -3.42
C ALA A 56 -10.21 10.47 -3.67
N GLU A 57 -9.73 11.13 -2.61
CA GLU A 57 -8.94 12.34 -2.79
C GLU A 57 -7.60 12.02 -3.43
N LEU A 58 -6.94 10.94 -3.00
CA LEU A 58 -5.67 10.56 -3.60
C LEU A 58 -5.84 10.25 -5.09
N LEU A 59 -6.96 9.62 -5.45
CA LEU A 59 -7.23 9.40 -6.87
C LEU A 59 -7.56 10.71 -7.57
N ARG A 60 -8.25 11.62 -6.88
CA ARG A 60 -8.61 12.91 -7.48
C ARG A 60 -7.37 13.70 -7.87
N ARG A 61 -6.31 13.62 -7.06
CA ARG A 61 -5.09 14.37 -7.36
C ARG A 61 -4.37 13.80 -8.57
N VAL A 62 -4.16 12.47 -8.59
CA VAL A 62 -3.37 11.86 -9.65
C VAL A 62 -4.07 12.00 -10.99
N THR A 63 -5.41 11.92 -11.02
CA THR A 63 -6.12 12.00 -12.28
C THR A 63 -6.39 13.43 -12.73
N THR A 64 -6.37 14.40 -11.81
CA THR A 64 -6.61 15.79 -12.21
C THR A 64 -5.36 16.42 -12.80
N GLU A 65 -4.21 16.24 -12.15
CA GLU A 65 -2.92 16.71 -12.62
C GLU A 65 -2.02 15.50 -12.82
N PRO A 66 -2.20 14.76 -13.92
CA PRO A 66 -1.44 13.51 -14.08
C PRO A 66 0.06 13.72 -14.15
N ARG A 67 0.52 14.75 -14.85
CA ARG A 67 1.95 15.06 -14.93
C ARG A 67 2.40 16.02 -13.83
N GLY A 68 1.71 16.05 -12.70
CA GLY A 68 2.09 16.88 -11.58
C GLY A 68 2.17 16.10 -10.28
N CYS A 69 2.25 14.78 -10.39
CA CYS A 69 2.38 13.90 -9.24
C CYS A 69 3.48 12.90 -9.50
N TRP A 70 4.36 12.69 -8.51
CA TRP A 70 5.47 11.78 -8.64
C TRP A 70 5.53 10.83 -7.45
N VAL A 71 6.14 9.67 -7.68
CA VAL A 71 6.41 8.70 -6.64
C VAL A 71 7.90 8.42 -6.62
N LEU A 72 8.42 8.10 -5.43
CA LEU A 72 9.81 7.72 -5.26
C LEU A 72 9.87 6.25 -4.87
N LEU A 73 10.66 5.48 -5.62
CA LEU A 73 10.75 4.04 -5.42
C LEU A 73 12.05 3.68 -4.72
N HIS A 74 11.95 2.91 -3.64
CA HIS A 74 13.11 2.38 -2.95
C HIS A 74 12.84 0.92 -2.62
N GLU A 75 13.71 0.03 -3.10
CA GLU A 75 13.53 -1.42 -2.94
C GLU A 75 12.22 -1.87 -3.58
N GLY A 76 11.87 -1.25 -4.70
CA GLY A 76 10.65 -1.59 -5.42
C GLY A 76 9.36 -1.14 -4.76
N ALA A 77 9.43 -0.30 -3.74
CA ALA A 77 8.25 0.16 -3.02
C ALA A 77 8.16 1.68 -3.08
N ILE A 78 6.92 2.18 -3.07
CA ILE A 78 6.66 3.62 -3.09
C ILE A 78 6.87 4.12 -1.65
N VAL A 79 8.06 4.65 -1.37
CA VAL A 79 8.35 5.24 -0.08
C VAL A 79 8.15 6.75 -0.07
N GLY A 80 7.91 7.37 -1.23
CA GLY A 80 7.70 8.80 -1.30
C GLY A 80 6.69 9.19 -2.37
N ALA A 81 5.86 10.18 -2.08
CA ALA A 81 4.84 10.64 -3.02
C ALA A 81 4.64 12.14 -2.87
N THR A 82 4.53 12.83 -4.01
CA THR A 82 4.28 14.26 -4.04
C THR A 82 3.10 14.54 -4.97
N TYR A 83 2.15 15.33 -4.50
CA TYR A 83 0.99 15.74 -5.27
C TYR A 83 1.04 17.25 -5.51
N ALA A 84 0.54 17.66 -6.67
CA ALA A 84 0.54 19.08 -6.99
C ALA A 84 -0.52 19.36 -8.06
N GLN A 85 -1.03 20.59 -8.05
CA GLN A 85 -1.94 21.06 -9.08
C GLN A 85 -1.60 22.50 -9.41
N ARG A 86 -1.95 22.92 -10.62
CA ARG A 86 -1.64 24.26 -11.09
C ARG A 86 -2.80 25.19 -10.79
N ILE A 87 -2.52 26.26 -10.04
CA ILE A 87 -3.56 27.22 -9.68
C ILE A 87 -3.18 28.59 -10.22
N ALA A 88 -4.02 29.60 -9.97
CA ALA A 88 -3.80 30.93 -10.52
C ALA A 88 -2.50 31.53 -10.01
N GLY A 89 -2.37 31.65 -8.69
CA GLY A 89 -1.18 32.21 -8.09
C GLY A 89 -1.17 32.03 -6.58
N PRO A 90 -0.14 32.59 -5.93
CA PRO A 90 -0.09 32.49 -4.47
C PRO A 90 -1.26 33.15 -3.76
N ALA A 91 -1.86 34.17 -4.37
CA ALA A 91 -2.99 34.86 -3.75
C ALA A 91 -4.25 34.00 -3.74
N ALA A 92 -4.31 32.96 -4.57
CA ALA A 92 -5.50 32.13 -4.65
C ALA A 92 -5.74 31.30 -3.39
N LEU A 93 -4.76 31.22 -2.49
CA LEU A 93 -4.87 30.42 -1.28
C LEU A 93 -5.52 31.18 -0.13
N ALA A 94 -5.91 32.44 -0.33
CA ALA A 94 -6.48 33.23 0.76
C ALA A 94 -7.83 32.65 1.16
N GLY A 95 -7.96 32.31 2.44
CA GLY A 95 -9.22 31.80 2.96
C GLY A 95 -9.65 30.48 2.36
N ALA A 96 -8.69 29.61 2.06
CA ALA A 96 -8.97 28.32 1.47
C ALA A 96 -9.03 27.24 2.53
N ARG A 97 -9.95 26.29 2.36
CA ARG A 97 -10.06 25.13 3.23
C ARG A 97 -9.26 23.97 2.66
N HIS A 98 -8.83 23.07 3.54
CA HIS A 98 -8.03 21.92 3.10
C HIS A 98 -8.84 20.99 2.21
N SER A 99 -10.10 20.76 2.55
CA SER A 99 -10.93 19.83 1.80
C SER A 99 -11.42 20.44 0.49
N GLU A 100 -11.65 21.74 0.47
CA GLU A 100 -12.24 22.41 -0.70
C GLU A 100 -11.15 23.05 -1.56
N LEU A 101 -10.20 22.22 -1.99
CA LEU A 101 -9.04 22.72 -2.74
C LEU A 101 -9.09 22.45 -4.24
N ALA A 102 -9.92 21.51 -4.70
CA ALA A 102 -9.92 21.18 -6.12
C ALA A 102 -10.39 22.35 -6.98
N GLY A 103 -11.23 23.22 -6.42
CA GLY A 103 -11.76 24.34 -7.18
C GLY A 103 -10.72 25.36 -7.61
N LEU A 104 -9.54 25.34 -7.00
CA LEU A 104 -8.48 26.27 -7.35
C LEU A 104 -7.74 25.89 -8.62
N HIS A 105 -8.00 24.71 -9.17
CA HIS A 105 -7.21 24.20 -10.30
C HIS A 105 -7.36 25.13 -11.51
N ASP A 106 -6.24 25.70 -11.93
CA ASP A 106 -6.18 26.56 -13.11
C ASP A 106 -5.04 26.07 -14.00
N PRO A 107 -5.35 25.32 -15.06
CA PRO A 107 -4.27 24.83 -15.94
C PRO A 107 -3.44 25.91 -16.59
N SER A 108 -3.99 27.13 -16.74
CA SER A 108 -3.26 28.25 -17.30
C SER A 108 -2.61 29.12 -16.24
N GLY A 109 -2.64 28.69 -14.98
CA GLY A 109 -2.09 29.49 -13.90
C GLY A 109 -0.57 29.56 -13.93
N ALA A 110 -0.05 30.51 -13.16
CA ALA A 110 1.39 30.78 -13.08
C ALA A 110 1.97 30.38 -11.73
N ALA A 111 1.42 29.33 -11.12
CA ALA A 111 1.92 28.85 -9.84
C ALA A 111 1.45 27.42 -9.63
N LEU A 112 2.33 26.59 -9.08
CA LEU A 112 2.05 25.18 -8.82
C LEU A 112 1.91 24.96 -7.32
N GLN A 113 0.76 24.43 -6.90
CA GLN A 113 0.45 24.27 -5.48
C GLN A 113 0.79 22.85 -5.03
N LEU A 114 1.55 22.76 -3.94
CA LEU A 114 1.86 21.46 -3.34
C LEU A 114 0.69 21.02 -2.48
N LEU A 115 0.06 19.91 -2.87
CA LEU A 115 -1.03 19.35 -2.06
C LEU A 115 -0.51 18.39 -1.01
N GLY A 116 0.66 17.80 -1.22
CA GLY A 116 1.24 16.87 -0.26
C GLY A 116 2.61 16.38 -0.64
N LEU A 117 3.42 16.04 0.36
CA LEU A 117 4.74 15.43 0.15
C LEU A 117 4.94 14.46 1.30
N ASN A 118 4.79 13.17 1.02
CA ASN A 118 4.90 12.12 2.02
C ASN A 118 6.16 11.30 1.78
N VAL A 119 6.89 11.03 2.86
CA VAL A 119 8.03 10.11 2.83
C VAL A 119 7.83 9.12 3.96
N ASP A 120 8.03 7.83 3.66
CA ASP A 120 7.77 6.79 4.64
C ASP A 120 8.63 7.03 5.89
N PRO A 121 8.04 6.95 7.09
CA PRO A 121 8.84 7.19 8.31
C PRO A 121 10.00 6.24 8.50
N ALA A 122 10.00 5.09 7.82
CA ALA A 122 11.09 4.13 7.94
C ALA A 122 12.29 4.50 7.08
N VAL A 123 12.17 5.49 6.19
CA VAL A 123 13.26 5.86 5.30
C VAL A 123 13.61 7.32 5.50
N ARG A 124 13.60 7.78 6.76
CA ARG A 124 13.91 9.18 7.03
C ARG A 124 15.41 9.45 6.97
N ASN A 125 16.23 8.47 7.31
CA ASN A 125 17.67 8.68 7.30
C ASN A 125 18.22 8.84 5.88
N HIS A 126 17.46 8.44 4.87
CA HIS A 126 17.90 8.60 3.48
C HIS A 126 17.76 10.02 2.96
N ASP A 127 17.14 10.92 3.74
CA ASP A 127 16.90 12.29 3.33
C ASP A 127 16.14 12.36 2.01
N PHE A 128 15.20 11.43 1.82
CA PHE A 128 14.39 11.42 0.61
C PHE A 128 13.43 12.60 0.54
N GLY A 129 13.08 13.20 1.69
CA GLY A 129 12.18 14.33 1.68
C GLY A 129 12.72 15.52 0.90
N SER A 130 13.98 15.89 1.18
CA SER A 130 14.60 16.98 0.46
C SER A 130 14.83 16.64 -1.01
N LEU A 131 14.92 15.34 -1.34
CA LEU A 131 15.08 14.97 -2.74
C LEU A 131 13.81 15.21 -3.54
N LEU A 132 12.66 14.80 -3.00
CA LEU A 132 11.40 15.02 -3.69
C LEU A 132 11.10 16.51 -3.84
N LEU A 133 11.36 17.29 -2.79
CA LEU A 133 11.11 18.73 -2.85
C LEU A 133 11.96 19.38 -3.92
N GLU A 134 13.28 19.19 -3.86
CA GLU A 134 14.16 19.75 -4.87
C GLU A 134 13.90 19.19 -6.25
N PHE A 135 13.29 18.01 -6.35
CA PHE A 135 12.90 17.48 -7.64
C PHE A 135 11.70 18.23 -8.21
N VAL A 136 10.70 18.50 -7.35
CA VAL A 136 9.54 19.27 -7.79
C VAL A 136 9.94 20.69 -8.16
N LEU A 137 10.77 21.32 -7.33
CA LEU A 137 11.23 22.67 -7.63
C LEU A 137 12.01 22.71 -8.94
N ALA A 138 12.79 21.67 -9.23
CA ALA A 138 13.52 21.61 -10.48
C ALA A 138 12.59 21.33 -11.66
N ALA A 139 11.59 20.48 -11.45
CA ALA A 139 10.66 20.17 -12.52
C ALA A 139 9.73 21.34 -12.83
N ALA A 140 9.43 22.16 -11.81
CA ALA A 140 8.55 23.30 -12.03
C ALA A 140 9.24 24.42 -12.80
N ARG A 141 10.55 24.57 -12.62
CA ARG A 141 11.30 25.58 -13.36
C ARG A 141 11.49 25.22 -14.82
N LEU A 142 11.21 23.97 -15.20
CA LEU A 142 11.28 23.53 -16.59
C LEU A 142 9.92 23.49 -17.26
N ARG A 143 8.84 23.84 -16.56
CA ARG A 143 7.52 23.92 -17.16
C ARG A 143 7.20 25.37 -17.48
N PRO A 144 6.80 25.68 -18.72
CA PRO A 144 6.59 27.10 -19.08
C PRO A 144 5.37 27.67 -18.40
N GLY A 145 5.53 28.85 -17.80
CA GLY A 145 4.47 29.58 -17.15
C GLY A 145 4.52 29.51 -15.63
N ILE A 146 5.06 28.43 -15.07
CA ILE A 146 5.12 28.27 -13.62
C ILE A 146 6.12 29.26 -13.04
N GLU A 147 5.64 30.14 -12.17
CA GLU A 147 6.49 31.14 -11.53
C GLU A 147 6.79 30.85 -10.07
N ASN A 148 5.92 30.13 -9.37
CA ASN A 148 6.14 29.84 -7.96
C ASN A 148 5.62 28.45 -7.63
N VAL A 149 6.26 27.81 -6.66
CA VAL A 149 5.78 26.58 -6.05
C VAL A 149 5.35 26.94 -4.63
N VAL A 150 4.04 26.89 -4.37
CA VAL A 150 3.50 27.30 -3.09
C VAL A 150 2.78 26.12 -2.45
N GLY A 151 2.42 26.28 -1.19
CA GLY A 151 1.71 25.26 -0.45
C GLY A 151 1.33 25.77 0.92
N VAL A 152 0.45 25.02 1.56
CA VAL A 152 -0.01 25.33 2.92
C VAL A 152 0.63 24.31 3.84
N SER A 153 1.72 24.69 4.49
CA SER A 153 2.45 23.80 5.37
C SER A 153 1.79 23.78 6.75
N ARG A 154 2.48 23.21 7.75
CA ARG A 154 1.94 23.10 9.09
C ARG A 154 3.10 23.02 10.07
N CYS A 155 2.78 23.00 11.36
CA CYS A 155 3.77 22.93 12.43
C CYS A 155 3.63 21.59 13.15
N GLY A 156 4.75 20.92 13.37
CA GLY A 156 4.75 19.61 13.99
C GLY A 156 4.95 19.62 15.49
N ASP A 157 5.48 20.72 16.03
CA ASP A 157 5.77 20.85 17.45
C ASP A 157 5.31 22.20 17.97
N TYR A 158 4.07 22.56 17.66
CA TYR A 158 3.50 23.78 18.21
C TYR A 158 2.90 23.57 19.60
N PRO A 159 2.18 22.46 19.87
CA PRO A 159 1.62 22.28 21.22
C PRO A 159 2.62 22.44 22.37
N ARG A 160 3.89 22.11 22.16
CA ARG A 160 4.87 22.33 23.21
C ARG A 160 5.14 23.82 23.40
N GLN A 161 4.95 24.63 22.37
CA GLN A 161 5.10 26.07 22.49
C GLN A 161 3.80 26.75 22.93
N ARG A 162 2.65 26.17 22.60
CA ARG A 162 1.39 26.72 23.08
C ARG A 162 1.29 26.64 24.59
N ALA A 163 1.90 25.61 25.19
CA ALA A 163 1.90 25.48 26.64
C ALA A 163 2.83 26.50 27.31
N LYS A 164 3.80 27.03 26.56
CA LYS A 164 4.67 28.09 27.05
C LYS A 164 4.07 29.48 26.87
N GLY A 165 2.83 29.57 26.38
CA GLY A 165 2.17 30.84 26.14
C GLY A 165 2.43 31.43 24.77
N LEU A 166 3.32 30.83 23.98
CA LEU A 166 3.69 31.40 22.69
C LEU A 166 2.52 31.31 21.71
N GLY A 167 2.32 32.39 20.94
CA GLY A 167 1.31 32.39 19.92
C GLY A 167 1.75 31.69 18.65
N TYR A 168 0.76 31.30 17.85
CA TYR A 168 1.05 30.56 16.62
C TYR A 168 1.83 31.42 15.63
N GLU A 169 1.40 32.67 15.42
CA GLU A 169 2.06 33.53 14.45
C GLU A 169 3.51 33.83 14.86
N ASP A 170 3.73 34.11 16.15
CA ASP A 170 5.10 34.35 16.61
C ASP A 170 5.95 33.08 16.50
N TYR A 171 5.37 31.92 16.83
CA TYR A 171 6.10 30.68 16.69
C TYR A 171 6.42 30.37 15.23
N VAL A 172 5.46 30.61 14.35
CA VAL A 172 5.69 30.34 12.92
C VAL A 172 6.79 31.25 12.39
N HIS A 173 6.75 32.53 12.74
CA HIS A 173 7.77 33.47 12.29
C HIS A 173 9.04 33.41 13.13
N GLY A 174 9.16 32.44 14.04
CA GLY A 174 10.38 32.28 14.80
C GLY A 174 10.68 33.40 15.77
N ARG A 175 9.70 34.23 16.10
CA ARG A 175 9.90 35.31 17.06
C ARG A 175 9.89 34.83 18.51
N GLY A 176 9.70 33.53 18.74
CA GLY A 176 9.68 33.01 20.10
C GLY A 176 11.06 32.83 20.71
N GLY A 177 12.10 32.76 19.89
CA GLY A 177 13.46 32.62 20.39
C GLY A 177 14.04 31.25 20.11
N GLY A 178 13.23 30.21 20.24
CA GLY A 178 13.67 28.86 20.02
C GLY A 178 13.94 28.57 18.55
N PRO A 179 14.23 27.30 18.24
CA PRO A 179 14.50 26.93 16.85
C PRO A 179 13.23 26.87 16.03
N ARG A 180 13.41 27.03 14.72
CA ARG A 180 12.30 26.95 13.79
C ARG A 180 11.63 25.58 13.86
N ASP A 181 10.36 25.54 13.50
CA ASP A 181 9.63 24.28 13.52
C ASP A 181 10.19 23.34 12.43
N PRO A 182 10.40 22.06 12.76
CA PRO A 182 11.00 21.15 11.77
C PRO A 182 10.19 21.02 10.49
N VAL A 183 8.86 20.96 10.60
CA VAL A 183 8.02 20.82 9.41
C VAL A 183 8.06 22.09 8.58
N LEU A 184 8.14 23.26 9.22
CA LEU A 184 8.26 24.51 8.48
C LEU A 184 9.69 24.74 7.99
N GLY A 185 10.68 24.46 8.84
CA GLY A 185 12.07 24.59 8.43
C GLY A 185 12.44 23.75 7.24
N PHE A 186 11.64 22.72 6.93
CA PHE A 186 11.85 21.95 5.72
C PHE A 186 11.71 22.82 4.47
N HIS A 187 10.68 23.67 4.44
CA HIS A 187 10.51 24.57 3.31
C HIS A 187 11.36 25.84 3.47
N LEU A 188 11.42 26.37 4.70
CA LEU A 188 12.25 27.55 4.95
C LEU A 188 13.72 27.24 4.65
N GLY A 189 14.17 26.04 4.98
CA GLY A 189 15.56 25.68 4.75
C GLY A 189 15.93 25.64 3.27
N HIS A 190 14.99 25.27 2.41
CA HIS A 190 15.29 25.20 0.99
C HIS A 190 15.19 26.56 0.31
N GLY A 191 14.37 27.47 0.83
CA GLY A 191 14.30 28.81 0.29
C GLY A 191 12.91 29.40 0.27
N ALA A 192 11.96 28.73 0.91
CA ALA A 192 10.59 29.21 0.94
C ALA A 192 10.42 30.34 1.94
N ARG A 193 9.69 31.37 1.54
CA ARG A 193 9.31 32.45 2.43
C ARG A 193 7.86 32.24 2.86
N ILE A 194 7.55 32.66 4.09
CA ILE A 194 6.19 32.52 4.60
C ILE A 194 5.30 33.56 3.94
N GLY A 195 4.13 33.13 3.47
CA GLY A 195 3.19 34.00 2.79
C GLY A 195 1.93 34.32 3.55
N GLY A 196 1.81 33.90 4.80
CA GLY A 196 0.64 34.18 5.61
C GLY A 196 0.10 32.92 6.27
N ILE A 197 -0.87 33.15 7.15
CA ILE A 197 -1.52 32.08 7.91
C ILE A 197 -3.00 32.06 7.55
N ILE A 198 -3.51 30.89 7.22
CA ILE A 198 -4.92 30.69 6.91
C ILE A 198 -5.62 30.19 8.16
N SER A 199 -6.45 31.02 8.77
CA SER A 199 -7.18 30.61 9.96
C SER A 199 -8.25 29.60 9.60
N GLY A 200 -8.34 28.52 10.38
CA GLY A 200 -9.33 27.50 10.11
C GLY A 200 -9.12 26.74 8.82
N TYR A 201 -7.88 26.70 8.33
CA TYR A 201 -7.60 25.99 7.09
C TYR A 201 -7.93 24.52 7.19
N ARG A 202 -7.61 23.89 8.33
CA ARG A 202 -7.76 22.45 8.52
C ARG A 202 -8.21 22.21 9.94
N PRO A 203 -9.52 22.33 10.21
CA PRO A 203 -10.00 22.28 11.60
C PRO A 203 -9.65 21.00 12.34
N GLU A 204 -9.44 19.89 11.64
CA GLU A 204 -9.03 18.65 12.32
C GLU A 204 -7.57 18.65 12.72
N ASP A 205 -6.78 19.62 12.25
CA ASP A 205 -5.37 19.74 12.61
C ASP A 205 -5.29 20.55 13.90
N VAL A 206 -5.57 19.88 15.01
CA VAL A 206 -5.64 20.56 16.31
C VAL A 206 -4.26 21.01 16.77
N ASP A 207 -3.21 20.29 16.42
CA ASP A 207 -1.86 20.69 16.82
C ASP A 207 -1.44 22.00 16.18
N ASN A 208 -2.14 22.45 15.14
CA ASN A 208 -1.92 23.75 14.53
C ASN A 208 -3.06 24.72 14.81
N ASP A 209 -3.96 24.39 15.74
CA ASP A 209 -5.13 25.21 16.03
C ASP A 209 -5.96 25.44 14.77
N GLY A 210 -6.01 24.42 13.91
CA GLY A 210 -6.72 24.51 12.64
C GLY A 210 -6.09 25.41 11.61
N ALA A 211 -4.95 26.03 11.90
CA ALA A 211 -4.36 27.00 11.00
C ALA A 211 -3.54 26.30 9.92
N GLY A 212 -3.09 27.11 8.95
CA GLY A 212 -2.22 26.64 7.89
C GLY A 212 -1.28 27.73 7.44
N VAL A 213 -0.01 27.40 7.24
CA VAL A 213 1.03 28.37 6.92
C VAL A 213 1.32 28.30 5.43
N ILE A 214 1.19 29.43 4.74
CA ILE A 214 1.47 29.50 3.31
C ILE A 214 2.97 29.70 3.11
N VAL A 215 3.60 28.75 2.42
CA VAL A 215 5.00 28.85 2.04
C VAL A 215 5.06 29.09 0.53
N ILE A 216 6.04 29.88 0.10
CA ILE A 216 6.18 30.25 -1.30
C ILE A 216 7.62 30.00 -1.72
N HIS A 217 7.81 29.13 -2.71
CA HIS A 217 9.12 28.86 -3.31
C HIS A 217 9.21 29.66 -4.60
N ALA A 218 9.82 30.84 -4.53
CA ALA A 218 10.10 31.61 -5.73
C ALA A 218 11.04 30.82 -6.63
N LEU A 219 10.87 30.99 -7.94
CA LEU A 219 11.63 30.21 -8.92
C LEU A 219 12.63 31.04 -9.71
N ARG A 220 12.54 32.36 -9.69
CA ARG A 220 13.44 33.20 -10.48
C ARG A 220 13.98 34.37 -9.66
N HIS B 26 -7.88 -11.18 -21.36
CA HIS B 26 -7.98 -11.35 -19.92
C HIS B 26 -7.61 -10.06 -19.20
N ARG B 27 -8.10 -9.90 -17.97
CA ARG B 27 -7.76 -8.75 -17.17
C ARG B 27 -7.88 -9.11 -15.69
N ILE B 28 -7.21 -8.32 -14.86
CA ILE B 28 -7.19 -8.51 -13.42
C ILE B 28 -7.68 -7.22 -12.76
N ARG B 29 -8.56 -7.36 -11.78
CA ARG B 29 -9.07 -6.22 -11.03
C ARG B 29 -9.38 -6.67 -9.61
N HIS B 30 -9.62 -5.70 -8.74
CA HIS B 30 -10.01 -6.03 -7.37
C HIS B 30 -11.36 -6.73 -7.36
N ALA B 31 -11.60 -7.50 -6.31
CA ALA B 31 -12.83 -8.26 -6.17
C ALA B 31 -13.89 -7.43 -5.45
N ARG B 32 -15.11 -7.48 -5.96
CA ARG B 32 -16.27 -6.83 -5.35
C ARG B 32 -17.15 -7.86 -4.66
N PRO B 33 -17.97 -7.43 -3.70
CA PRO B 33 -18.97 -8.35 -3.15
C PRO B 33 -20.00 -8.82 -4.17
N SER B 34 -20.13 -8.13 -5.30
CA SER B 34 -21.02 -8.56 -6.37
C SER B 34 -20.50 -9.79 -7.10
N ASP B 35 -19.23 -10.17 -6.89
CA ASP B 35 -18.63 -11.33 -7.51
C ASP B 35 -18.84 -12.61 -6.71
N LEU B 36 -19.59 -12.54 -5.60
CA LEU B 36 -19.64 -13.65 -4.65
C LEU B 36 -20.13 -14.94 -5.32
N ASP B 37 -21.09 -14.83 -6.23
CA ASP B 37 -21.56 -16.02 -6.94
C ASP B 37 -20.45 -16.65 -7.76
N ALA B 38 -19.73 -15.83 -8.54
CA ALA B 38 -18.63 -16.36 -9.34
C ALA B 38 -17.48 -16.84 -8.46
N LEU B 39 -17.33 -16.29 -7.25
CA LEU B 39 -16.29 -16.74 -6.36
C LEU B 39 -16.59 -18.13 -5.81
N CYS B 40 -17.85 -18.38 -5.40
CA CYS B 40 -18.22 -19.71 -4.96
C CYS B 40 -18.20 -20.71 -6.10
N ALA B 41 -18.50 -20.27 -7.33
CA ALA B 41 -18.41 -21.15 -8.48
C ALA B 41 -16.97 -21.56 -8.75
N LEU B 42 -16.03 -20.64 -8.53
CA LEU B 42 -14.61 -20.96 -8.72
C LEU B 42 -14.08 -21.79 -7.55
N GLU B 43 -14.64 -21.62 -6.35
CA GLU B 43 -14.22 -22.43 -5.22
C GLU B 43 -14.62 -23.88 -5.40
N ALA B 44 -15.79 -24.13 -5.99
CA ALA B 44 -16.23 -25.50 -6.24
C ALA B 44 -15.47 -26.14 -7.39
N ARG B 45 -14.97 -25.35 -8.34
CA ARG B 45 -14.21 -25.89 -9.44
C ARG B 45 -12.75 -26.18 -9.09
N CYS B 46 -12.27 -25.63 -7.97
CA CYS B 46 -10.87 -25.75 -7.58
C CYS B 46 -10.65 -26.58 -6.32
N TRP B 47 -11.71 -26.95 -5.60
CA TRP B 47 -11.56 -27.69 -4.36
C TRP B 47 -12.66 -28.73 -4.23
N PRO B 48 -12.33 -29.90 -3.67
CA PRO B 48 -13.38 -30.89 -3.38
C PRO B 48 -14.33 -30.37 -2.31
N ALA B 49 -15.41 -31.13 -2.09
CA ALA B 49 -16.44 -30.74 -1.12
C ALA B 49 -15.89 -30.42 0.26
N PRO B 50 -15.02 -31.23 0.88
CA PRO B 50 -14.58 -30.92 2.25
C PRO B 50 -13.45 -29.90 2.34
N LEU B 51 -12.98 -29.35 1.22
CA LEU B 51 -11.88 -28.38 1.23
C LEU B 51 -12.30 -27.05 0.59
N ARG B 52 -13.59 -26.72 0.67
CA ARG B 52 -14.12 -25.50 0.09
C ARG B 52 -14.41 -24.49 1.19
N ALA B 53 -14.08 -23.23 0.92
CA ALA B 53 -14.46 -22.14 1.82
C ALA B 53 -15.95 -21.88 1.70
N SER B 54 -16.58 -21.59 2.84
CA SER B 54 -18.01 -21.31 2.85
C SER B 54 -18.29 -19.96 2.22
N ARG B 55 -19.52 -19.80 1.72
CA ARG B 55 -19.91 -18.57 1.05
C ARG B 55 -19.70 -17.36 1.94
N ALA B 56 -19.93 -17.52 3.25
CA ALA B 56 -19.71 -16.42 4.20
C ALA B 56 -18.23 -16.07 4.31
N GLU B 57 -17.34 -17.07 4.23
CA GLU B 57 -15.92 -16.81 4.38
C GLU B 57 -15.37 -16.05 3.18
N LEU B 58 -15.73 -16.47 1.97
CA LEU B 58 -15.25 -15.79 0.77
C LEU B 58 -15.74 -14.34 0.75
N LEU B 59 -16.98 -14.09 1.16
CA LEU B 59 -17.47 -12.73 1.28
C LEU B 59 -16.74 -11.97 2.38
N ARG B 60 -16.38 -12.66 3.46
CA ARG B 60 -15.65 -12.01 4.54
C ARG B 60 -14.25 -11.59 4.08
N ARG B 61 -13.60 -12.41 3.26
CA ARG B 61 -12.28 -12.06 2.74
C ARG B 61 -12.33 -10.80 1.89
N VAL B 62 -13.40 -10.64 1.11
CA VAL B 62 -13.48 -9.51 0.19
C VAL B 62 -13.88 -8.23 0.91
N THR B 63 -14.65 -8.33 2.00
CA THR B 63 -15.06 -7.15 2.74
C THR B 63 -14.05 -6.73 3.81
N THR B 64 -13.29 -7.68 4.35
CA THR B 64 -12.29 -7.33 5.37
C THR B 64 -11.05 -6.70 4.74
N GLU B 65 -10.56 -7.27 3.64
CA GLU B 65 -9.41 -6.74 2.91
C GLU B 65 -9.83 -6.41 1.47
N PRO B 66 -10.58 -5.32 1.28
CA PRO B 66 -11.04 -4.99 -0.08
C PRO B 66 -9.90 -4.73 -1.05
N ARG B 67 -8.75 -4.24 -0.57
CA ARG B 67 -7.62 -3.96 -1.42
C ARG B 67 -6.61 -5.10 -1.46
N GLY B 68 -6.94 -6.24 -0.87
CA GLY B 68 -6.05 -7.38 -0.89
C GLY B 68 -6.62 -8.60 -1.58
N CYS B 69 -7.64 -8.39 -2.43
CA CYS B 69 -8.29 -9.48 -3.15
C CYS B 69 -8.41 -9.09 -4.61
N TRP B 70 -8.07 -10.02 -5.50
CA TRP B 70 -8.11 -9.78 -6.93
C TRP B 70 -8.82 -10.93 -7.64
N VAL B 71 -9.43 -10.61 -8.77
CA VAL B 71 -10.06 -11.60 -9.62
C VAL B 71 -9.44 -11.50 -11.01
N LEU B 72 -9.40 -12.63 -11.71
CA LEU B 72 -8.93 -12.70 -13.09
C LEU B 72 -10.11 -13.10 -13.96
N LEU B 73 -10.44 -12.26 -14.94
CA LEU B 73 -11.58 -12.48 -15.81
C LEU B 73 -11.10 -12.84 -17.21
N HIS B 74 -11.64 -13.92 -17.76
CA HIS B 74 -11.32 -14.37 -19.11
C HIS B 74 -12.63 -14.53 -19.86
N GLU B 75 -12.81 -13.74 -20.92
CA GLU B 75 -14.02 -13.77 -21.74
C GLU B 75 -15.27 -13.51 -20.90
N GLY B 76 -15.16 -12.62 -19.91
CA GLY B 76 -16.27 -12.21 -19.10
C GLY B 76 -16.52 -13.04 -17.86
N ALA B 77 -15.81 -14.15 -17.69
CA ALA B 77 -16.00 -15.03 -16.55
C ALA B 77 -14.80 -14.94 -15.60
N ILE B 78 -15.08 -14.93 -14.30
CA ILE B 78 -14.01 -14.97 -13.30
C ILE B 78 -13.43 -16.38 -13.30
N VAL B 79 -12.23 -16.54 -13.85
CA VAL B 79 -11.52 -17.81 -13.81
C VAL B 79 -10.44 -17.84 -12.74
N GLY B 80 -10.02 -16.69 -12.24
CA GLY B 80 -9.01 -16.63 -11.19
C GLY B 80 -9.47 -15.76 -10.04
N ALA B 81 -9.10 -16.17 -8.84
CA ALA B 81 -9.45 -15.42 -7.64
C ALA B 81 -8.41 -15.67 -6.56
N THR B 82 -7.85 -14.59 -6.03
CA THR B 82 -6.84 -14.66 -4.98
C THR B 82 -7.25 -13.75 -3.83
N TYR B 83 -7.02 -14.21 -2.60
CA TYR B 83 -7.42 -13.50 -1.39
C TYR B 83 -6.21 -13.33 -0.48
N ALA B 84 -6.15 -12.19 0.20
CA ALA B 84 -5.02 -11.91 1.07
C ALA B 84 -5.47 -11.09 2.27
N GLN B 85 -4.64 -11.10 3.31
CA GLN B 85 -4.85 -10.26 4.48
C GLN B 85 -3.49 -9.91 5.07
N ARG B 86 -3.43 -8.76 5.75
CA ARG B 86 -2.21 -8.30 6.37
C ARG B 86 -2.02 -8.96 7.73
N ILE B 87 -0.86 -9.60 7.92
CA ILE B 87 -0.51 -10.19 9.21
C ILE B 87 0.78 -9.54 9.69
N ALA B 88 1.05 -9.71 10.99
CA ALA B 88 2.18 -9.04 11.63
C ALA B 88 3.50 -9.44 10.99
N GLY B 89 3.68 -10.73 10.71
CA GLY B 89 4.89 -11.21 10.11
C GLY B 89 4.84 -12.70 9.82
N PRO B 90 5.89 -13.23 9.19
CA PRO B 90 5.92 -14.68 8.91
C PRO B 90 5.89 -15.52 10.17
N ALA B 91 6.47 -15.05 11.27
CA ALA B 91 6.46 -15.80 12.52
C ALA B 91 5.07 -15.93 13.11
N ALA B 92 4.11 -15.12 12.66
CA ALA B 92 2.75 -15.20 13.16
C ALA B 92 2.01 -16.43 12.65
N LEU B 93 2.53 -17.11 11.63
CA LEU B 93 1.90 -18.32 11.13
C LEU B 93 2.15 -19.53 12.01
N ALA B 94 3.16 -19.49 12.88
CA ALA B 94 3.49 -20.63 13.71
C ALA B 94 2.32 -20.97 14.63
N GLY B 95 1.88 -22.23 14.58
CA GLY B 95 0.78 -22.67 15.40
C GLY B 95 -0.59 -22.19 14.96
N ALA B 96 -0.74 -21.87 13.67
CA ALA B 96 -2.00 -21.36 13.17
C ALA B 96 -2.97 -22.51 12.88
N ARG B 97 -4.26 -22.19 12.94
CA ARG B 97 -5.31 -23.11 12.55
C ARG B 97 -6.08 -22.52 11.39
N HIS B 98 -6.42 -23.36 10.40
CA HIS B 98 -7.04 -22.88 9.18
C HIS B 98 -8.34 -22.13 9.44
N SER B 99 -9.09 -22.55 10.46
CA SER B 99 -10.39 -21.95 10.72
C SER B 99 -10.28 -20.58 11.39
N GLU B 100 -9.16 -20.31 12.07
CA GLU B 100 -9.01 -19.10 12.87
C GLU B 100 -8.04 -18.09 12.25
N LEU B 101 -7.91 -18.09 10.91
CA LEU B 101 -6.99 -17.16 10.28
C LEU B 101 -7.45 -15.71 10.35
N ALA B 102 -8.73 -15.48 10.60
CA ALA B 102 -9.23 -14.10 10.67
C ALA B 102 -8.64 -13.34 11.84
N GLY B 103 -8.23 -14.04 12.90
CA GLY B 103 -7.64 -13.39 14.05
C GLY B 103 -6.26 -12.83 13.82
N LEU B 104 -5.52 -13.38 12.84
CA LEU B 104 -4.17 -12.95 12.55
C LEU B 104 -4.11 -11.59 11.86
N HIS B 105 -5.25 -11.04 11.45
CA HIS B 105 -5.26 -9.81 10.66
C HIS B 105 -4.68 -8.65 11.46
N ASP B 106 -3.64 -8.04 10.91
CA ASP B 106 -3.00 -6.87 11.51
C ASP B 106 -2.78 -5.84 10.41
N PRO B 107 -3.61 -4.79 10.35
CA PRO B 107 -3.44 -3.77 9.29
C PRO B 107 -2.07 -3.10 9.30
N SER B 108 -1.40 -3.06 10.45
CA SER B 108 -0.06 -2.52 10.56
C SER B 108 1.02 -3.58 10.32
N GLY B 109 0.63 -4.79 9.92
CA GLY B 109 1.57 -5.87 9.78
C GLY B 109 2.52 -5.70 8.62
N ALA B 110 3.67 -6.35 8.72
CA ALA B 110 4.74 -6.26 7.73
C ALA B 110 4.73 -7.43 6.75
N ALA B 111 3.63 -8.19 6.70
CA ALA B 111 3.52 -9.33 5.80
C ALA B 111 2.12 -9.41 5.23
N LEU B 112 2.02 -9.75 3.96
CA LEU B 112 0.74 -9.99 3.29
C LEU B 112 0.56 -11.49 3.12
N GLN B 113 -0.50 -12.03 3.74
CA GLN B 113 -0.74 -13.47 3.76
C GLN B 113 -1.72 -13.84 2.66
N LEU B 114 -1.32 -14.75 1.77
CA LEU B 114 -2.24 -15.30 0.77
C LEU B 114 -3.18 -16.29 1.45
N LEU B 115 -4.46 -15.96 1.48
CA LEU B 115 -5.48 -16.87 2.02
C LEU B 115 -6.02 -17.83 0.98
N GLY B 116 -5.77 -17.56 -0.31
CA GLY B 116 -6.23 -18.43 -1.37
C GLY B 116 -5.76 -17.97 -2.73
N LEU B 117 -5.52 -18.93 -3.63
CA LEU B 117 -5.20 -18.64 -5.02
C LEU B 117 -5.84 -19.75 -5.85
N ASN B 118 -6.84 -19.40 -6.65
CA ASN B 118 -7.63 -20.39 -7.39
C ASN B 118 -7.65 -20.01 -8.86
N VAL B 119 -7.36 -20.99 -9.71
CA VAL B 119 -7.50 -20.86 -11.15
C VAL B 119 -8.26 -22.07 -11.67
N ASP B 120 -9.24 -21.83 -12.53
CA ASP B 120 -10.06 -22.90 -13.07
C ASP B 120 -9.18 -23.91 -13.81
N PRO B 121 -9.18 -25.18 -13.42
CA PRO B 121 -8.35 -26.18 -14.12
C PRO B 121 -8.65 -26.29 -15.61
N ALA B 122 -9.83 -25.88 -16.05
CA ALA B 122 -10.16 -25.96 -17.46
C ALA B 122 -9.34 -24.96 -18.29
N VAL B 123 -8.92 -23.85 -17.69
CA VAL B 123 -8.18 -22.83 -18.39
C VAL B 123 -6.71 -22.90 -17.96
N ARG B 124 -6.29 -24.09 -17.52
CA ARG B 124 -4.92 -24.28 -17.06
C ARG B 124 -3.90 -24.17 -18.19
N ASN B 125 -4.33 -24.25 -19.45
CA ASN B 125 -3.42 -24.11 -20.56
C ASN B 125 -2.95 -22.68 -20.78
N HIS B 126 -3.63 -21.70 -20.18
CA HIS B 126 -3.27 -20.30 -20.31
C HIS B 126 -2.22 -19.84 -19.30
N ASP B 127 -1.93 -20.67 -18.29
CA ASP B 127 -0.97 -20.32 -17.23
C ASP B 127 -1.40 -19.03 -16.52
N PHE B 128 -2.66 -18.98 -16.12
CA PHE B 128 -3.19 -17.83 -15.41
C PHE B 128 -2.76 -17.79 -13.95
N GLY B 129 -2.33 -18.93 -13.40
CA GLY B 129 -1.90 -18.94 -12.00
C GLY B 129 -0.58 -18.21 -11.79
N SER B 130 0.41 -18.53 -12.62
CA SER B 130 1.68 -17.82 -12.57
C SER B 130 1.49 -16.33 -12.81
N LEU B 131 0.63 -15.97 -13.76
CA LEU B 131 0.37 -14.56 -14.05
C LEU B 131 -0.32 -13.88 -12.88
N LEU B 132 -1.25 -14.59 -12.23
CA LEU B 132 -1.95 -13.99 -11.09
C LEU B 132 -1.07 -13.90 -9.85
N LEU B 133 -0.16 -14.87 -9.67
CA LEU B 133 0.75 -14.81 -8.53
C LEU B 133 1.75 -13.68 -8.68
N GLU B 134 2.46 -13.64 -9.81
CA GLU B 134 3.42 -12.55 -10.06
C GLU B 134 2.75 -11.19 -10.02
N PHE B 135 1.45 -11.13 -10.33
CA PHE B 135 0.72 -9.87 -10.18
C PHE B 135 0.60 -9.48 -8.71
N VAL B 136 0.18 -10.43 -7.87
CA VAL B 136 0.04 -10.15 -6.44
C VAL B 136 1.39 -9.81 -5.83
N LEU B 137 2.45 -10.50 -6.26
CA LEU B 137 3.79 -10.21 -5.75
C LEU B 137 4.21 -8.79 -6.09
N ALA B 138 3.99 -8.38 -7.35
CA ALA B 138 4.36 -7.03 -7.76
C ALA B 138 3.51 -5.98 -7.05
N ALA B 139 2.23 -6.28 -6.85
CA ALA B 139 1.35 -5.35 -6.13
C ALA B 139 1.80 -5.19 -4.69
N ALA B 140 2.10 -6.31 -4.01
CA ALA B 140 2.55 -6.23 -2.63
C ALA B 140 3.94 -5.61 -2.52
N ARG B 141 4.79 -5.81 -3.52
CA ARG B 141 6.10 -5.19 -3.53
C ARG B 141 6.01 -3.67 -3.58
N LEU B 142 4.91 -3.13 -4.11
CA LEU B 142 4.78 -1.69 -4.28
C LEU B 142 4.30 -0.99 -3.01
N ARG B 143 3.52 -1.67 -2.19
CA ARG B 143 3.04 -1.07 -0.95
C ARG B 143 4.18 -0.94 0.05
N PRO B 144 4.44 0.24 0.59
CA PRO B 144 5.52 0.38 1.58
C PRO B 144 5.16 -0.33 2.88
N GLY B 145 6.16 -0.97 3.47
CA GLY B 145 5.94 -1.71 4.70
C GLY B 145 5.92 -3.21 4.51
N ILE B 146 5.18 -3.67 3.50
CA ILE B 146 5.09 -5.09 3.21
C ILE B 146 6.43 -5.58 2.69
N GLU B 147 7.08 -6.48 3.43
CA GLU B 147 8.37 -7.02 3.03
C GLU B 147 8.34 -8.52 2.76
N ASN B 148 7.18 -9.17 2.87
CA ASN B 148 7.08 -10.60 2.59
C ASN B 148 5.66 -10.93 2.16
N VAL B 149 5.54 -11.78 1.14
CA VAL B 149 4.29 -12.45 0.81
C VAL B 149 4.34 -13.85 1.39
N VAL B 150 3.30 -14.22 2.14
CA VAL B 150 3.36 -15.34 3.06
C VAL B 150 2.07 -16.16 2.94
N GLY B 151 2.17 -17.45 3.21
CA GLY B 151 0.98 -18.29 3.20
C GLY B 151 1.19 -19.74 3.61
N VAL B 152 0.18 -20.34 4.20
CA VAL B 152 0.19 -21.76 4.55
C VAL B 152 -0.27 -22.54 3.31
N SER B 153 0.66 -23.29 2.71
CA SER B 153 0.35 -24.08 1.52
C SER B 153 0.05 -25.52 1.92
N ARG B 154 0.01 -26.40 0.91
CA ARG B 154 -0.32 -27.80 1.14
C ARG B 154 0.35 -28.65 0.06
N CYS B 155 0.29 -29.96 0.24
CA CYS B 155 0.71 -30.91 -0.77
C CYS B 155 -0.51 -31.39 -1.55
N GLY B 156 -0.29 -31.70 -2.83
CA GLY B 156 -1.35 -32.21 -3.66
C GLY B 156 -1.22 -33.69 -3.96
N ASP B 157 -0.03 -34.25 -3.74
CA ASP B 157 0.27 -35.61 -4.17
C ASP B 157 0.89 -36.44 -3.06
N TYR B 158 0.57 -36.14 -1.79
CA TYR B 158 1.20 -36.90 -0.71
C TYR B 158 0.64 -38.31 -0.55
N PRO B 159 -0.69 -38.55 -0.54
CA PRO B 159 -1.19 -39.91 -0.23
C PRO B 159 -0.59 -41.00 -1.11
N ARG B 160 -0.08 -40.61 -2.29
CA ARG B 160 0.62 -41.56 -3.15
C ARG B 160 1.98 -41.93 -2.58
N GLN B 161 2.66 -40.98 -1.92
CA GLN B 161 3.95 -41.24 -1.32
C GLN B 161 3.88 -42.18 -0.11
N ARG B 162 2.68 -42.42 0.44
CA ARG B 162 2.57 -43.32 1.58
C ARG B 162 2.97 -44.74 1.20
N ALA B 163 2.76 -45.14 -0.06
CA ALA B 163 3.13 -46.48 -0.49
C ALA B 163 4.64 -46.69 -0.45
N LYS B 164 5.41 -45.61 -0.57
CA LYS B 164 6.86 -45.69 -0.49
C LYS B 164 7.37 -45.70 0.95
N GLY B 165 6.49 -45.51 1.93
CA GLY B 165 6.94 -45.33 3.30
C GLY B 165 7.57 -43.98 3.55
N LEU B 166 7.33 -43.00 2.68
CA LEU B 166 7.97 -41.70 2.76
C LEU B 166 7.16 -40.78 3.66
N GLY B 167 7.83 -40.21 4.67
CA GLY B 167 7.16 -39.33 5.60
C GLY B 167 6.84 -37.97 5.00
N TYR B 168 5.92 -37.28 5.67
CA TYR B 168 5.41 -36.01 5.14
C TYR B 168 6.50 -34.96 5.07
N GLU B 169 7.26 -34.80 6.16
CA GLU B 169 8.30 -33.77 6.20
C GLU B 169 9.39 -34.03 5.17
N ASP B 170 9.80 -35.29 5.02
CA ASP B 170 10.79 -35.62 4.00
C ASP B 170 10.25 -35.29 2.60
N TYR B 171 8.98 -35.61 2.34
CA TYR B 171 8.40 -35.36 1.03
C TYR B 171 8.22 -33.86 0.79
N VAL B 172 7.84 -33.11 1.82
CA VAL B 172 7.65 -31.67 1.67
C VAL B 172 8.95 -31.00 1.26
N HIS B 173 10.07 -31.39 1.87
CA HIS B 173 11.37 -30.84 1.54
C HIS B 173 12.07 -31.58 0.42
N GLY B 174 11.47 -32.64 -0.10
CA GLY B 174 12.08 -33.39 -1.19
C GLY B 174 13.29 -34.21 -0.81
N ARG B 175 13.57 -34.38 0.48
CA ARG B 175 14.69 -35.23 0.88
C ARG B 175 14.49 -36.65 0.36
N GLY B 176 15.48 -37.13 -0.39
CA GLY B 176 15.45 -38.49 -0.89
C GLY B 176 14.34 -38.67 -1.90
N GLY B 177 13.86 -37.54 -2.42
CA GLY B 177 12.72 -37.53 -3.28
C GLY B 177 13.11 -37.29 -4.73
N GLY B 178 12.25 -37.78 -5.61
CA GLY B 178 12.40 -37.57 -7.03
C GLY B 178 11.57 -36.39 -7.51
N PRO B 179 10.24 -36.48 -7.36
CA PRO B 179 9.39 -35.37 -7.82
C PRO B 179 9.04 -34.39 -6.71
N ARG B 180 9.18 -33.10 -7.00
CA ARG B 180 8.66 -32.08 -6.11
C ARG B 180 7.14 -32.03 -6.21
N ASP B 181 6.49 -31.80 -5.08
CA ASP B 181 5.04 -31.72 -5.08
C ASP B 181 4.59 -30.57 -5.97
N PRO B 182 3.62 -30.78 -6.86
CA PRO B 182 3.26 -29.71 -7.81
C PRO B 182 2.62 -28.50 -7.15
N VAL B 183 1.90 -28.70 -6.05
CA VAL B 183 1.32 -27.56 -5.35
C VAL B 183 2.41 -26.73 -4.68
N LEU B 184 3.28 -27.37 -3.90
CA LEU B 184 4.41 -26.67 -3.30
C LEU B 184 5.34 -26.13 -4.37
N GLY B 185 5.56 -26.90 -5.45
CA GLY B 185 6.46 -26.47 -6.50
C GLY B 185 6.02 -25.23 -7.22
N PHE B 186 4.73 -24.88 -7.15
CA PHE B 186 4.24 -23.68 -7.80
C PHE B 186 4.86 -22.43 -7.17
N HIS B 187 4.85 -22.35 -5.84
CA HIS B 187 5.50 -21.22 -5.17
C HIS B 187 7.02 -21.32 -5.28
N LEU B 188 7.56 -22.54 -5.16
CA LEU B 188 9.01 -22.72 -5.24
C LEU B 188 9.55 -22.27 -6.58
N GLY B 189 8.82 -22.56 -7.66
CA GLY B 189 9.19 -22.07 -8.97
C GLY B 189 9.13 -20.56 -9.13
N HIS B 190 8.49 -19.85 -8.20
CA HIS B 190 8.42 -18.40 -8.24
C HIS B 190 9.27 -17.74 -7.15
N GLY B 191 10.30 -18.43 -6.67
CA GLY B 191 11.25 -17.84 -5.75
C GLY B 191 10.94 -18.00 -4.28
N ALA B 192 9.90 -18.75 -3.92
CA ALA B 192 9.54 -18.89 -2.53
C ALA B 192 10.43 -19.91 -1.82
N ARG B 193 10.40 -19.87 -0.49
CA ARG B 193 11.12 -20.82 0.34
C ARG B 193 10.19 -21.39 1.40
N ILE B 194 10.47 -22.63 1.81
CA ILE B 194 9.63 -23.29 2.80
C ILE B 194 10.06 -22.82 4.19
N GLY B 195 9.08 -22.38 4.99
CA GLY B 195 9.39 -21.79 6.27
C GLY B 195 8.87 -22.57 7.47
N GLY B 196 8.53 -23.84 7.28
CA GLY B 196 8.09 -24.68 8.37
C GLY B 196 6.77 -25.38 8.04
N ILE B 197 6.44 -26.34 8.90
CA ILE B 197 5.25 -27.15 8.74
C ILE B 197 4.40 -27.01 9.99
N ILE B 198 3.15 -26.60 9.83
CA ILE B 198 2.23 -26.40 10.95
C ILE B 198 1.47 -27.70 11.17
N SER B 199 1.73 -28.36 12.29
CA SER B 199 1.02 -29.58 12.63
C SER B 199 -0.38 -29.24 13.13
N GLY B 200 -1.38 -29.92 12.58
CA GLY B 200 -2.75 -29.65 12.95
C GLY B 200 -3.31 -28.36 12.39
N TYR B 201 -2.82 -27.93 11.23
CA TYR B 201 -3.29 -26.68 10.64
C TYR B 201 -4.76 -26.78 10.22
N ARG B 202 -5.09 -27.79 9.42
CA ARG B 202 -6.48 -28.06 9.05
C ARG B 202 -6.72 -29.57 9.10
N PRO B 203 -7.33 -30.06 10.18
CA PRO B 203 -7.54 -31.51 10.31
C PRO B 203 -8.35 -32.12 9.19
N GLU B 204 -9.23 -31.35 8.53
CA GLU B 204 -10.04 -31.90 7.46
C GLU B 204 -9.21 -32.27 6.24
N ASP B 205 -8.00 -31.75 6.12
CA ASP B 205 -7.10 -32.08 5.01
C ASP B 205 -6.39 -33.38 5.35
N VAL B 206 -7.05 -34.50 5.04
CA VAL B 206 -6.47 -35.80 5.36
C VAL B 206 -5.31 -36.13 4.42
N ASP B 207 -5.33 -35.60 3.20
CA ASP B 207 -4.24 -35.86 2.26
C ASP B 207 -2.93 -35.24 2.70
N ASN B 208 -2.98 -34.30 3.66
CA ASN B 208 -1.79 -33.70 4.25
C ASN B 208 -1.65 -34.03 5.72
N ASP B 209 -2.40 -35.03 6.20
CA ASP B 209 -2.41 -35.44 7.61
C ASP B 209 -2.71 -34.26 8.53
N GLY B 210 -3.53 -33.32 8.07
CA GLY B 210 -3.88 -32.16 8.86
C GLY B 210 -2.84 -31.07 8.91
N ALA B 211 -1.72 -31.22 8.21
CA ALA B 211 -0.62 -30.29 8.30
C ALA B 211 -0.69 -29.24 7.20
N GLY B 212 0.10 -28.17 7.39
CA GLY B 212 0.21 -27.13 6.39
C GLY B 212 1.64 -26.64 6.31
N VAL B 213 2.05 -26.25 5.10
CA VAL B 213 3.43 -25.87 4.81
C VAL B 213 3.50 -24.35 4.70
N ILE B 214 4.32 -23.74 5.54
CA ILE B 214 4.53 -22.30 5.49
C ILE B 214 5.43 -21.96 4.30
N VAL B 215 5.03 -20.96 3.52
CA VAL B 215 5.71 -20.55 2.31
C VAL B 215 5.96 -19.04 2.38
N ILE B 216 7.18 -18.62 2.08
CA ILE B 216 7.59 -17.24 2.25
C ILE B 216 8.15 -16.71 0.93
N HIS B 217 7.53 -15.66 0.40
CA HIS B 217 8.04 -14.94 -0.76
C HIS B 217 8.68 -13.65 -0.28
N ALA B 218 10.00 -13.55 -0.46
CA ALA B 218 10.72 -12.34 -0.06
C ALA B 218 10.60 -11.27 -1.14
N LEU B 219 10.30 -10.04 -0.72
CA LEU B 219 10.11 -8.92 -1.63
C LEU B 219 11.35 -8.03 -1.76
N ARG B 220 12.31 -8.15 -0.85
CA ARG B 220 13.56 -7.40 -0.96
C ARG B 220 14.77 -8.34 -0.96
C1 GOL C . 8.55 16.96 4.87
O1 GOL C . 7.40 17.21 4.15
C2 GOL C . 8.55 15.44 5.21
O2 GOL C . 9.83 14.92 5.28
C3 GOL C . 7.77 15.33 6.54
O3 GOL C . 8.06 16.48 7.29
C1 GOL D . -2.85 16.26 2.59
O1 GOL D . -1.66 16.01 1.93
C2 GOL D . -3.32 14.91 3.19
O2 GOL D . -4.57 15.01 3.79
C3 GOL D . -2.22 14.52 4.20
O3 GOL D . -1.95 15.66 4.96
C13 1PE E . 2.25 21.59 1.10
C23 1PE E . 3.67 22.13 1.28
OH4 1PE E . 1.97 20.68 2.14
C14 1PE E . 3.19 19.01 3.31
C24 1PE E . 2.58 19.44 1.97
OH5 1PE E . 4.48 19.57 3.42
C25 1PE E . 5.37 19.12 2.45
C1 GOL F . -2.43 -22.36 -9.22
O1 GOL F . -2.31 -22.72 -10.55
C2 GOL F . -2.78 -23.64 -8.43
O2 GOL F . -1.76 -24.05 -7.58
C3 GOL F . -4.08 -23.30 -7.68
O3 GOL F . -5.12 -23.34 -8.62
OH2 1PE G . -1.61 -20.00 -2.38
C12 1PE G . -1.05 -20.37 -1.15
C22 1PE G . -1.96 -19.93 -0.01
OH3 1PE G . -3.27 -20.38 -0.25
C13 1PE G . -4.15 -22.28 0.89
C23 1PE G . -3.39 -21.77 -0.32
OH4 1PE G . -4.50 -23.62 0.68
C14 1PE G . -3.54 -24.96 2.41
C24 1PE G . -4.81 -24.33 1.85
OH5 1PE G . -3.83 -25.57 3.64
#